data_2W52
#
_entry.id   2W52
#
_cell.length_a   38.056
_cell.length_b   46.690
_cell.length_c   152.871
_cell.angle_alpha   90.00
_cell.angle_beta   90.00
_cell.angle_gamma   90.00
#
_symmetry.space_group_name_H-M   'P 21 21 21'
#
loop_
_entity.id
_entity.type
_entity.pdbx_description
1 polymer 'PUTATIVE LAMINARINASE'
2 branched alpha-D-mannopyranose-(1-2)-alpha-D-mannopyranose-(1-6)-[alpha-D-mannopyranose-(1-3)]alpha-D-mannopyranose-(1-6)-beta-D-mannopyranose-(1-4)-2-acetamido-2-deoxy-beta-D-glucopyranose-(1-4)-2-acetamido-2-deoxy-beta-D-glucopyranose
3 branched beta-D-glucopyranose-(1-6)-beta-D-glucopyranose-(1-3)-beta-D-glucopyranose-(1-3)-beta-D-glucopyranose
4 branched beta-D-glucopyranose-(1-3)-beta-D-glucopyranose-(1-3)-beta-D-glucopyranose
5 water water
#
_entity_poly.entity_id   1
_entity_poly.type   'polypeptide(L)'
_entity_poly.pdbx_seq_one_letter_code
;ATYHLEDNWVGSAFLSTFTHEAIADPTHGRVNYVDQATALAKNLTYASGDTLILRADHTTTLSPSGPGRNSVRIRSIKTY
TTHVAVFDVRHMPQGCGTWPAAWETDEGDWPNGGEVDIIEGVNDQSPNAMTLHTGANCAMPASRTMTGHATNNNCDVNTD
GNTGCGVQAPTANSYGPSFNANGGGWYAMERTNSFIKVWFFPRNAGNVPNDIASGPATINTDNWGTPTAFFPNTNCDIGS
HFDANNIIINLTFCGDWAGQASIFNGAGCPGSCVDYVNNNPSAFANAYWDIASVRVYQ
;
_entity_poly.pdbx_strand_id   A
#
# COMPACT_ATOMS: atom_id res chain seq x y z
N ALA A 1 16.06 -3.25 -18.77
CA ALA A 1 15.96 -2.49 -17.50
C ALA A 1 15.61 -1.01 -17.72
N THR A 2 15.52 -0.60 -18.99
CA THR A 2 15.11 0.77 -19.36
C THR A 2 13.60 0.82 -19.60
N TYR A 3 12.96 1.83 -19.02
CA TYR A 3 11.52 2.02 -19.20
C TYR A 3 11.21 3.47 -19.47
N HIS A 4 10.02 3.73 -20.01
CA HIS A 4 9.64 5.10 -20.35
C HIS A 4 8.29 5.43 -19.77
N LEU A 5 8.10 6.71 -19.49
CA LEU A 5 6.89 7.15 -18.80
C LEU A 5 5.62 6.74 -19.53
N GLU A 6 4.68 6.16 -18.77
CA GLU A 6 3.37 5.73 -19.29
C GLU A 6 2.23 6.54 -18.67
N ASP A 7 2.35 6.84 -17.37
CA ASP A 7 1.36 7.67 -16.67
C ASP A 7 2.08 8.51 -15.64
N ASN A 8 1.63 9.75 -15.51
CA ASN A 8 2.17 10.64 -14.49
C ASN A 8 0.98 11.27 -13.81
N TRP A 9 0.69 10.83 -12.58
CA TRP A 9 -0.50 11.31 -11.89
C TRP A 9 -0.12 12.22 -10.71
N VAL A 10 -0.65 13.44 -10.78
CA VAL A 10 -0.42 14.49 -9.78
C VAL A 10 -1.73 15.22 -9.50
N GLY A 11 -2.03 15.41 -8.22
CA GLY A 11 -3.19 16.25 -7.85
C GLY A 11 -4.48 15.83 -8.53
N SER A 12 -5.14 16.77 -9.23
CA SER A 12 -6.49 16.47 -9.74
C SER A 12 -6.51 15.37 -10.80
N ALA A 13 -5.36 15.00 -11.36
CA ALA A 13 -5.26 13.96 -12.39
C ALA A 13 -5.87 12.67 -11.83
N PHE A 14 -5.69 12.42 -10.54
CA PHE A 14 -6.21 11.17 -9.95
C PHE A 14 -7.73 11.05 -10.09
N LEU A 15 -8.42 12.19 -10.17
CA LEU A 15 -9.88 12.17 -10.20
C LEU A 15 -10.41 11.65 -11.55
N SER A 16 -9.59 11.73 -12.60
CA SER A 16 -10.01 11.19 -13.89
C SER A 16 -9.33 9.89 -14.28
N THR A 17 -8.27 9.50 -13.58
CA THR A 17 -7.51 8.30 -13.96
C THR A 17 -7.67 7.14 -12.95
N PHE A 18 -8.30 7.43 -11.81
CA PHE A 18 -8.68 6.42 -10.81
C PHE A 18 -10.16 6.53 -10.57
N THR A 19 -10.73 5.46 -10.02
CA THR A 19 -12.09 5.52 -9.46
C THR A 19 -12.03 5.25 -7.94
N HIS A 20 -13.02 5.72 -7.21
CA HIS A 20 -13.21 5.27 -5.83
C HIS A 20 -14.09 4.03 -5.81
N GLU A 21 -13.62 3.02 -5.08
CA GLU A 21 -14.38 1.77 -4.95
C GLU A 21 -15.29 1.85 -3.75
N ALA A 22 -16.59 1.96 -4.01
CA ALA A 22 -17.56 2.00 -2.93
C ALA A 22 -18.04 0.57 -2.72
N ILE A 23 -17.22 -0.21 -2.02
CA ILE A 23 -17.48 -1.63 -1.85
C ILE A 23 -17.43 -2.00 -0.38
N ALA A 24 -18.11 -3.08 -0.04
CA ALA A 24 -17.89 -3.72 1.26
C ALA A 24 -16.43 -4.11 1.34
N ASP A 25 -15.81 -3.84 2.48
CA ASP A 25 -14.38 -4.17 2.62
C ASP A 25 -14.14 -5.67 2.49
N PRO A 26 -13.36 -6.10 1.47
CA PRO A 26 -13.01 -7.52 1.42
C PRO A 26 -12.30 -8.05 2.70
N THR A 27 -11.62 -7.17 3.42
CA THR A 27 -10.89 -7.55 4.64
C THR A 27 -11.69 -7.26 5.93
N HIS A 28 -12.99 -7.00 5.78
CA HIS A 28 -13.95 -6.99 6.93
C HIS A 28 -13.64 -5.93 7.98
N GLY A 29 -13.07 -4.81 7.53
CA GLY A 29 -12.70 -3.72 8.46
C GLY A 29 -13.86 -2.86 8.91
N ARG A 30 -13.60 -2.03 9.92
CA ARG A 30 -14.60 -1.09 10.45
C ARG A 30 -14.56 0.17 9.60
N VAL A 31 -15.00 0.03 8.35
CA VAL A 31 -14.82 1.07 7.33
C VAL A 31 -16.06 1.17 6.46
N ASN A 32 -16.32 2.38 5.98
CA ASN A 32 -17.33 2.62 4.97
C ASN A 32 -16.61 3.31 3.79
N TYR A 33 -16.26 2.50 2.81
CA TYR A 33 -15.62 3.03 1.62
C TYR A 33 -16.65 3.79 0.79
N VAL A 34 -16.42 5.08 0.64
CA VAL A 34 -17.35 5.96 -0.07
C VAL A 34 -16.99 6.17 -1.53
N ASP A 35 -17.98 6.52 -2.34
CA ASP A 35 -17.69 6.73 -3.73
C ASP A 35 -16.99 8.08 -3.96
N GLN A 36 -16.65 8.36 -5.22
CA GLN A 36 -15.86 9.52 -5.50
C GLN A 36 -16.58 10.82 -5.15
N ALA A 37 -17.85 10.92 -5.53
CA ALA A 37 -18.61 12.14 -5.24
C ALA A 37 -18.71 12.38 -3.72
N THR A 38 -19.00 11.30 -2.99
CA THR A 38 -19.10 11.39 -1.52
C THR A 38 -17.76 11.79 -0.90
N ALA A 39 -16.69 11.15 -1.36
CA ALA A 39 -15.35 11.49 -0.86
C ALA A 39 -15.02 12.95 -1.07
N LEU A 40 -15.30 13.46 -2.27
CA LEU A 40 -14.95 14.86 -2.56
C LEU A 40 -15.82 15.83 -1.76
N ALA A 41 -17.11 15.52 -1.63
CA ALA A 41 -18.02 16.37 -0.85
C ALA A 41 -17.62 16.45 0.63
N LYS A 42 -17.17 15.32 1.16
CA LYS A 42 -16.84 15.19 2.58
C LYS A 42 -15.37 15.48 2.85
N ASN A 43 -14.65 15.87 1.80
CA ASN A 43 -13.22 16.18 1.88
C ASN A 43 -12.39 15.03 2.41
N LEU A 44 -12.85 13.81 2.10
CA LEU A 44 -12.02 12.63 2.38
C LEU A 44 -11.01 12.40 1.27
N THR A 45 -11.29 12.98 0.12
CA THR A 45 -10.31 13.04 -0.96
C THR A 45 -10.19 14.49 -1.34
N TYR A 46 -8.95 14.96 -1.49
CA TYR A 46 -8.67 16.37 -1.83
C TYR A 46 -7.54 16.36 -2.83
N ALA A 47 -7.78 16.93 -4.02
CA ALA A 47 -6.83 16.73 -5.13
C ALA A 47 -6.64 18.01 -5.91
N SER A 48 -5.52 18.69 -5.61
CA SER A 48 -5.29 20.04 -6.09
C SER A 48 -3.79 20.40 -6.04
N GLY A 49 -3.36 21.23 -7.00
CA GLY A 49 -1.95 21.57 -7.11
C GLY A 49 -1.14 20.30 -7.26
N ASP A 50 -0.12 20.16 -6.42
CA ASP A 50 0.76 19.01 -6.45
C ASP A 50 0.52 18.04 -5.29
N THR A 51 -0.73 17.98 -4.87
CA THR A 51 -1.10 17.16 -3.71
C THR A 51 -2.38 16.33 -3.94
N LEU A 52 -2.30 15.07 -3.55
CA LEU A 52 -3.50 14.25 -3.34
C LEU A 52 -3.56 13.87 -1.86
N ILE A 53 -4.70 14.15 -1.23
CA ILE A 53 -4.94 13.71 0.15
C ILE A 53 -6.05 12.67 0.12
N LEU A 54 -5.82 11.52 0.76
CA LEU A 54 -6.81 10.45 0.95
C LEU A 54 -6.86 10.26 2.45
N ARG A 55 -8.02 10.45 3.05
N ARG A 55 -8.03 10.47 3.05
CA ARG A 55 -8.06 10.37 4.51
CA ARG A 55 -8.12 10.48 4.52
C ARG A 55 -9.34 9.75 5.05
C ARG A 55 -9.34 9.77 5.05
N ALA A 56 -9.26 9.38 6.33
CA ALA A 56 -10.44 8.94 7.07
C ALA A 56 -11.22 10.08 7.65
N ASP A 57 -12.52 9.85 7.88
CA ASP A 57 -13.35 10.78 8.63
C ASP A 57 -12.72 10.94 10.04
N HIS A 58 -12.53 12.18 10.50
CA HIS A 58 -11.95 12.40 11.82
C HIS A 58 -12.86 13.28 12.70
N THR A 59 -14.16 13.31 12.36
CA THR A 59 -15.09 14.18 13.07
C THR A 59 -16.31 13.44 13.60
N THR A 60 -16.68 12.32 12.98
CA THR A 60 -17.94 11.62 13.30
C THR A 60 -17.72 10.56 14.36
N THR A 61 -18.58 10.52 15.37
CA THR A 61 -18.62 9.43 16.33
C THR A 61 -19.61 8.46 15.76
N LEU A 62 -19.17 7.21 15.58
CA LEU A 62 -19.97 6.29 14.79
C LEU A 62 -21.10 5.63 15.56
N SER A 63 -22.26 5.53 14.90
CA SER A 63 -23.31 4.67 15.43
CA SER A 63 -23.33 4.66 15.41
C SER A 63 -22.81 3.23 15.35
N PRO A 64 -22.80 2.52 16.51
CA PRO A 64 -22.25 1.15 16.49
C PRO A 64 -22.97 0.16 15.56
N SER A 65 -24.28 0.31 15.35
CA SER A 65 -24.98 -0.55 14.36
C SER A 65 -24.93 -0.10 12.90
N GLY A 66 -24.43 1.11 12.68
CA GLY A 66 -24.27 1.67 11.36
C GLY A 66 -22.95 1.24 10.76
N PRO A 67 -22.68 1.71 9.53
CA PRO A 67 -21.46 1.40 8.82
C PRO A 67 -20.20 1.93 9.52
N GLY A 68 -19.05 1.48 9.05
CA GLY A 68 -17.79 1.89 9.66
C GLY A 68 -17.34 3.29 9.36
N ARG A 69 -16.09 3.59 9.72
CA ARG A 69 -15.58 4.96 9.60
C ARG A 69 -15.39 5.25 8.10
N ASN A 70 -15.89 6.41 7.66
CA ASN A 70 -15.78 6.76 6.22
C ASN A 70 -14.30 6.84 5.85
N SER A 71 -13.99 6.29 4.69
CA SER A 71 -12.61 6.26 4.19
C SER A 71 -12.68 6.00 2.69
N VAL A 72 -11.52 5.87 2.06
CA VAL A 72 -11.48 5.72 0.61
C VAL A 72 -10.53 4.61 0.18
N ARG A 73 -10.85 4.07 -1.00
CA ARG A 73 -10.04 3.04 -1.67
C ARG A 73 -10.09 3.40 -3.14
N ILE A 74 -8.98 3.92 -3.66
CA ILE A 74 -8.95 4.30 -5.08
C ILE A 74 -8.23 3.28 -5.91
N ARG A 75 -8.68 3.10 -7.15
CA ARG A 75 -8.15 2.08 -8.02
C ARG A 75 -7.85 2.67 -9.41
N SER A 76 -6.67 2.41 -9.96
CA SER A 76 -6.37 2.96 -11.29
C SER A 76 -7.34 2.39 -12.32
N ILE A 77 -7.73 3.19 -13.30
CA ILE A 77 -8.57 2.64 -14.36
C ILE A 77 -7.76 1.69 -15.26
N LYS A 78 -6.50 2.08 -15.57
CA LYS A 78 -5.61 1.24 -16.33
C LYS A 78 -5.08 0.08 -15.54
N THR A 79 -4.70 -0.99 -16.26
CA THR A 79 -4.00 -2.13 -15.69
C THR A 79 -2.63 -2.29 -16.33
N TYR A 80 -1.80 -3.04 -15.62
CA TYR A 80 -0.37 -3.14 -15.92
C TYR A 80 0.13 -4.55 -15.75
N THR A 81 1.14 -4.89 -16.55
CA THR A 81 1.83 -6.18 -16.43
C THR A 81 3.29 -5.89 -16.11
N THR A 82 4.16 -5.89 -17.13
CA THR A 82 5.56 -5.56 -16.91
C THR A 82 5.66 -4.03 -16.88
N HIS A 83 6.09 -3.48 -15.75
CA HIS A 83 6.09 -2.03 -15.56
C HIS A 83 6.88 -1.68 -14.30
N VAL A 84 7.09 -0.39 -14.11
CA VAL A 84 7.60 0.15 -12.86
C VAL A 84 6.60 1.19 -12.38
N ALA A 85 6.23 1.10 -11.08
CA ALA A 85 5.34 2.08 -10.47
C ALA A 85 6.16 2.80 -9.40
N VAL A 86 6.08 4.14 -9.37
CA VAL A 86 6.84 4.90 -8.37
C VAL A 86 5.87 5.81 -7.61
N PHE A 87 5.93 5.76 -6.28
CA PHE A 87 5.02 6.50 -5.41
C PHE A 87 5.87 7.48 -4.60
N ASP A 88 5.60 8.78 -4.76
CA ASP A 88 6.28 9.83 -4.02
C ASP A 88 5.32 10.26 -2.93
N VAL A 89 5.59 9.79 -1.71
CA VAL A 89 4.60 9.84 -0.63
C VAL A 89 5.09 10.71 0.53
N ARG A 90 4.37 11.77 0.84
CA ARG A 90 4.81 12.70 1.90
C ARG A 90 4.35 12.22 3.29
N HIS A 91 3.23 11.49 3.33
CA HIS A 91 2.61 11.11 4.62
C HIS A 91 1.74 9.86 4.33
N MET A 92 1.70 8.90 5.28
CA MET A 92 0.76 7.79 5.19
C MET A 92 -0.12 7.77 6.42
N PRO A 93 -1.28 7.10 6.37
CA PRO A 93 -2.13 7.11 7.57
C PRO A 93 -1.46 6.56 8.81
N GLN A 94 -1.69 7.24 9.94
CA GLN A 94 -1.29 6.71 11.23
C GLN A 94 -2.46 6.73 12.20
N GLY A 95 -2.32 5.88 13.22
CA GLY A 95 -3.24 5.84 14.34
C GLY A 95 -3.59 4.40 14.68
N CYS A 96 -3.95 4.19 15.94
CA CYS A 96 -4.43 2.88 16.33
C CYS A 96 -5.62 2.43 15.47
N GLY A 97 -5.55 1.19 15.00
CA GLY A 97 -6.62 0.62 14.16
C GLY A 97 -6.38 0.75 12.67
N THR A 98 -5.44 1.62 12.28
CA THR A 98 -5.28 1.93 10.85
C THR A 98 -4.62 0.78 10.11
N TRP A 99 -5.09 0.56 8.89
CA TRP A 99 -4.46 -0.43 8.00
C TRP A 99 -4.41 0.17 6.59
N PRO A 100 -3.39 1.00 6.32
CA PRO A 100 -3.25 1.60 5.01
C PRO A 100 -2.53 0.64 4.05
N ALA A 101 -2.75 0.81 2.75
CA ALA A 101 -1.97 0.02 1.76
C ALA A 101 -1.87 0.74 0.44
N ALA A 102 -0.72 0.60 -0.22
CA ALA A 102 -0.54 0.92 -1.64
C ALA A 102 -0.09 -0.36 -2.29
N TRP A 103 -0.78 -0.82 -3.33
CA TRP A 103 -0.59 -2.21 -3.77
C TRP A 103 -1.14 -2.39 -5.18
N GLU A 104 -0.96 -3.59 -5.75
CA GLU A 104 -1.54 -3.93 -7.05
C GLU A 104 -2.19 -5.30 -6.96
N THR A 105 -3.29 -5.45 -7.68
CA THR A 105 -3.91 -6.77 -7.80
C THR A 105 -4.87 -6.78 -8.98
N ASP A 106 -5.40 -7.96 -9.27
CA ASP A 106 -6.54 -8.15 -10.15
C ASP A 106 -7.69 -8.67 -9.25
N GLU A 107 -8.58 -7.76 -8.83
CA GLU A 107 -9.66 -8.15 -7.92
C GLU A 107 -10.56 -9.19 -8.56
N GLY A 108 -10.73 -9.09 -9.87
CA GLY A 108 -11.72 -9.91 -10.57
C GLY A 108 -11.46 -11.40 -10.61
N ASP A 109 -10.19 -11.78 -10.44
CA ASP A 109 -9.83 -13.19 -10.39
C ASP A 109 -8.96 -13.53 -9.20
N TRP A 110 -9.00 -12.70 -8.15
CA TRP A 110 -8.13 -12.92 -6.98
C TRP A 110 -8.33 -14.33 -6.38
N PRO A 111 -7.22 -15.00 -5.98
CA PRO A 111 -5.81 -14.57 -6.01
C PRO A 111 -5.05 -14.93 -7.29
N ASN A 112 -5.79 -15.42 -8.29
CA ASN A 112 -5.13 -16.03 -9.43
C ASN A 112 -4.45 -15.07 -10.38
N GLY A 113 -4.77 -13.77 -10.28
CA GLY A 113 -4.05 -12.75 -11.04
C GLY A 113 -2.95 -12.08 -10.20
N GLY A 114 -2.73 -12.60 -8.99
CA GLY A 114 -1.64 -12.05 -8.16
C GLY A 114 -2.02 -10.82 -7.36
N GLU A 115 -1.18 -10.55 -6.37
CA GLU A 115 -1.31 -9.35 -5.54
C GLU A 115 0.10 -8.99 -5.06
N VAL A 116 0.48 -7.73 -5.22
CA VAL A 116 1.76 -7.25 -4.63
C VAL A 116 1.46 -6.05 -3.74
N ASP A 117 1.76 -6.25 -2.44
CA ASP A 117 1.55 -5.20 -1.44
C ASP A 117 2.87 -4.46 -1.32
N ILE A 118 2.83 -3.18 -1.67
CA ILE A 118 4.07 -2.38 -1.78
C ILE A 118 4.32 -1.57 -0.49
N ILE A 119 3.27 -0.90 -0.01
CA ILE A 119 3.28 -0.22 1.28
C ILE A 119 2.14 -0.84 2.09
N GLU A 120 2.43 -1.34 3.28
CA GLU A 120 1.36 -1.97 4.07
C GLU A 120 1.81 -2.20 5.50
N GLY A 121 0.90 -1.93 6.44
CA GLY A 121 1.10 -2.36 7.83
C GLY A 121 -0.16 -2.08 8.61
N VAL A 122 -0.07 -2.23 9.93
CA VAL A 122 -1.22 -2.04 10.79
C VAL A 122 -0.79 -1.41 12.11
N ASN A 123 -1.69 -0.59 12.65
CA ASN A 123 -1.57 -0.15 14.06
C ASN A 123 -0.23 0.49 14.34
N ASP A 124 0.29 1.19 13.32
CA ASP A 124 1.51 2.04 13.49
C ASP A 124 2.78 1.22 13.69
N GLN A 125 2.71 -0.06 13.40
CA GLN A 125 3.82 -0.99 13.65
C GLN A 125 4.78 -1.05 12.48
N SER A 126 5.84 -0.24 12.58
CA SER A 126 6.96 -0.33 11.63
C SER A 126 7.69 -1.67 11.85
N PRO A 127 8.44 -2.13 10.83
CA PRO A 127 8.66 -1.53 9.51
C PRO A 127 7.60 -1.91 8.48
N ASN A 128 7.74 -1.33 7.29
CA ASN A 128 6.90 -1.67 6.17
C ASN A 128 7.03 -3.14 5.79
N ALA A 129 5.94 -3.74 5.33
CA ALA A 129 5.97 -5.11 4.77
C ALA A 129 5.64 -5.03 3.28
N MET A 130 6.40 -5.76 2.49
CA MET A 130 6.18 -5.91 1.05
C MET A 130 5.92 -7.41 0.85
N THR A 131 4.82 -7.76 0.19
CA THR A 131 4.29 -9.11 0.22
C THR A 131 3.61 -9.47 -1.06
N LEU A 132 3.80 -10.71 -1.51
CA LEU A 132 2.98 -11.23 -2.61
C LEU A 132 1.97 -12.20 -2.04
N HIS A 133 0.80 -12.21 -2.68
CA HIS A 133 -0.24 -13.19 -2.40
C HIS A 133 -0.66 -13.75 -3.75
N THR A 134 -0.61 -15.08 -3.90
CA THR A 134 -0.85 -15.72 -5.19
C THR A 134 -1.66 -17.00 -5.02
N GLY A 135 -1.97 -17.63 -6.15
CA GLY A 135 -2.45 -19.02 -6.16
C GLY A 135 -1.33 -20.02 -5.85
N ALA A 136 -1.62 -21.32 -6.04
CA ALA A 136 -0.70 -22.37 -5.60
C ALA A 136 0.62 -22.40 -6.37
N ASN A 137 1.62 -23.05 -5.78
CA ASN A 137 2.90 -23.30 -6.43
C ASN A 137 3.66 -21.99 -6.72
N CYS A 138 3.86 -21.23 -5.65
CA CYS A 138 4.64 -19.99 -5.74
C CYS A 138 5.27 -19.76 -4.39
N ALA A 139 6.58 -20.00 -4.30
CA ALA A 139 7.33 -19.78 -3.09
C ALA A 139 8.58 -18.97 -3.42
N MET A 140 9.28 -18.53 -2.37
CA MET A 140 10.50 -17.74 -2.51
C MET A 140 11.67 -18.46 -1.86
N PRO A 141 12.87 -18.31 -2.44
CA PRO A 141 14.07 -18.91 -1.85
C PRO A 141 14.41 -18.26 -0.54
N ALA A 142 15.07 -19.02 0.34
CA ALA A 142 15.41 -18.53 1.66
C ALA A 142 16.40 -17.36 1.59
N SER A 143 17.29 -17.42 0.61
CA SER A 143 18.35 -16.42 0.47
C SER A 143 18.21 -15.79 -0.89
N ARG A 144 18.03 -14.46 -0.95
CA ARG A 144 18.18 -13.75 -2.22
C ARG A 144 18.56 -12.31 -1.97
N THR A 145 19.07 -11.65 -3.01
CA THR A 145 19.70 -10.36 -2.80
C THR A 145 18.63 -9.24 -2.63
N MET A 146 18.64 -8.68 -1.43
CA MET A 146 17.76 -7.59 -1.07
C MET A 146 18.23 -7.05 0.27
N THR A 147 17.86 -5.82 0.60
CA THR A 147 18.26 -5.27 1.89
C THR A 147 17.33 -5.65 3.04
N GLY A 148 16.09 -6.04 2.73
CA GLY A 148 15.09 -6.43 3.71
C GLY A 148 15.19 -7.86 4.21
N HIS A 149 14.28 -8.22 5.11
CA HIS A 149 14.30 -9.49 5.82
C HIS A 149 13.05 -10.30 5.47
N ALA A 150 13.23 -11.47 4.86
CA ALA A 150 12.09 -12.31 4.55
C ALA A 150 11.45 -12.84 5.80
N THR A 151 10.14 -12.84 5.87
N THR A 151 10.12 -12.94 5.80
CA THR A 151 9.53 -13.57 6.95
CA THR A 151 9.33 -13.33 6.99
C THR A 151 9.03 -14.87 6.34
C THR A 151 8.53 -14.66 6.85
N ASN A 152 7.88 -14.82 5.70
CA ASN A 152 7.23 -16.05 5.24
CA ASN A 152 7.26 -16.07 5.26
C ASN A 152 7.57 -16.20 3.79
N ASN A 153 7.85 -17.44 3.34
CA ASN A 153 8.32 -17.64 1.95
C ASN A 153 7.36 -18.40 1.06
N ASN A 154 6.14 -18.62 1.54
CA ASN A 154 5.13 -19.24 0.70
C ASN A 154 4.06 -18.21 0.31
N CYS A 155 3.92 -17.93 -0.99
CA CYS A 155 3.03 -16.84 -1.43
C CYS A 155 1.57 -17.27 -1.59
N ASP A 156 1.35 -18.58 -1.59
CA ASP A 156 0.03 -19.16 -1.85
C ASP A 156 -0.94 -18.78 -0.72
N VAL A 157 -2.01 -18.08 -1.08
CA VAL A 157 -3.01 -17.58 -0.10
C VAL A 157 -3.70 -18.69 0.68
N ASN A 158 -3.69 -19.89 0.14
CA ASN A 158 -4.37 -20.99 0.83
C ASN A 158 -3.43 -21.71 1.80
N THR A 159 -2.28 -21.10 2.06
CA THR A 159 -1.29 -21.59 3.05
C THR A 159 -1.08 -20.55 4.16
N ASP A 160 -0.78 -21.01 5.38
CA ASP A 160 -0.36 -20.11 6.46
C ASP A 160 -1.34 -18.95 6.76
N GLY A 161 -2.64 -19.17 6.57
CA GLY A 161 -3.63 -18.14 6.91
C GLY A 161 -3.52 -16.92 6.00
N ASN A 162 -3.04 -17.14 4.78
CA ASN A 162 -2.80 -16.04 3.84
C ASN A 162 -1.89 -14.93 4.37
N THR A 163 -0.80 -15.32 5.00
CA THR A 163 0.25 -14.34 5.28
C THR A 163 0.90 -13.84 3.99
N GLY A 164 0.91 -14.67 2.95
CA GLY A 164 1.63 -14.36 1.69
C GLY A 164 3.12 -14.53 1.94
N CYS A 165 3.93 -14.21 0.94
CA CYS A 165 5.38 -14.29 1.12
C CYS A 165 5.86 -12.85 1.27
N GLY A 166 6.32 -12.52 2.47
CA GLY A 166 6.62 -11.13 2.81
C GLY A 166 8.06 -10.87 3.11
N VAL A 167 8.40 -9.58 3.01
CA VAL A 167 9.71 -9.05 3.35
C VAL A 167 9.50 -7.80 4.19
N GLN A 168 10.23 -7.69 5.31
CA GLN A 168 10.22 -6.48 6.13
C GLN A 168 11.34 -5.53 5.72
N ALA A 169 10.99 -4.26 5.59
CA ALA A 169 11.99 -3.23 5.27
C ALA A 169 12.96 -3.12 6.45
N PRO A 170 14.24 -2.76 6.18
CA PRO A 170 15.25 -2.75 7.26
C PRO A 170 15.19 -1.54 8.21
N THR A 171 14.51 -0.45 7.80
CA THR A 171 14.51 0.75 8.65
C THR A 171 13.12 1.09 9.18
N ALA A 172 13.09 1.71 10.35
CA ALA A 172 11.82 2.10 11.00
C ALA A 172 11.11 3.12 10.11
N ASN A 173 11.88 4.00 9.48
CA ASN A 173 11.27 5.10 8.75
C ASN A 173 10.63 4.71 7.42
N SER A 174 10.62 3.40 7.15
CA SER A 174 9.83 2.87 6.04
C SER A 174 8.33 2.91 6.27
N TYR A 175 7.89 3.14 7.51
CA TYR A 175 6.47 2.99 7.80
C TYR A 175 6.00 3.84 8.98
N GLY A 176 4.73 4.22 8.95
CA GLY A 176 4.06 4.69 10.17
C GLY A 176 4.49 6.06 10.66
N PRO A 177 4.27 6.32 11.94
CA PRO A 177 4.71 7.60 12.55
C PRO A 177 6.18 7.92 12.24
N SER A 178 7.06 6.91 12.21
CA SER A 178 8.49 7.13 11.89
C SER A 178 8.64 7.72 10.47
N PHE A 179 7.98 7.04 9.51
CA PHE A 179 7.94 7.56 8.13
C PHE A 179 7.37 9.00 8.08
N ASN A 180 6.25 9.24 8.74
CA ASN A 180 5.65 10.56 8.71
C ASN A 180 6.54 11.64 9.32
N ALA A 181 7.17 11.33 10.45
CA ALA A 181 8.06 12.33 11.08
C ALA A 181 9.22 12.74 10.17
N ASN A 182 9.62 11.80 9.31
CA ASN A 182 10.72 11.99 8.38
C ASN A 182 10.34 12.61 7.03
N GLY A 183 9.04 12.90 6.86
CA GLY A 183 8.54 13.48 5.59
C GLY A 183 8.32 12.46 4.48
N GLY A 184 8.22 11.19 4.87
CA GLY A 184 7.85 10.16 3.89
C GLY A 184 9.03 9.67 3.11
N GLY A 185 8.82 9.48 1.81
CA GLY A 185 9.84 8.94 0.95
C GLY A 185 9.24 8.39 -0.32
N TRP A 186 10.05 7.58 -0.99
CA TRP A 186 9.69 7.02 -2.28
C TRP A 186 9.62 5.51 -2.20
N TYR A 187 8.58 4.96 -2.80
CA TYR A 187 8.49 3.53 -3.02
C TYR A 187 8.44 3.25 -4.51
N ALA A 188 9.28 2.35 -4.98
CA ALA A 188 9.26 1.98 -6.41
C ALA A 188 9.17 0.48 -6.53
N MET A 189 8.33 0.02 -7.46
CA MET A 189 8.14 -1.42 -7.66
C MET A 189 8.35 -1.71 -9.13
N GLU A 190 9.30 -2.63 -9.43
CA GLU A 190 9.49 -3.09 -10.82
C GLU A 190 8.98 -4.53 -10.90
N ARG A 191 8.11 -4.77 -11.88
CA ARG A 191 7.58 -6.11 -12.14
C ARG A 191 7.91 -6.51 -13.57
N THR A 192 8.54 -7.69 -13.68
CA THR A 192 8.84 -8.27 -14.98
C THR A 192 8.32 -9.69 -14.99
N ASN A 193 8.53 -10.38 -16.10
CA ASN A 193 8.16 -11.79 -16.11
C ASN A 193 8.96 -12.62 -15.10
N SER A 194 10.15 -12.12 -14.77
CA SER A 194 11.14 -12.85 -13.98
C SER A 194 11.16 -12.55 -12.50
N PHE A 195 10.64 -11.38 -12.11
CA PHE A 195 10.73 -11.00 -10.68
C PHE A 195 9.82 -9.83 -10.38
N ILE A 196 9.65 -9.56 -9.08
CA ILE A 196 9.10 -8.30 -8.59
C ILE A 196 10.12 -7.78 -7.59
N LYS A 197 10.44 -6.49 -7.70
CA LYS A 197 11.35 -5.84 -6.75
C LYS A 197 10.65 -4.60 -6.21
N VAL A 198 10.94 -4.27 -4.95
CA VAL A 198 10.47 -3.02 -4.36
C VAL A 198 11.67 -2.32 -3.74
N TRP A 199 11.80 -1.02 -4.02
CA TRP A 199 12.78 -0.19 -3.32
C TRP A 199 12.06 0.84 -2.46
N PHE A 200 12.56 1.06 -1.24
CA PHE A 200 12.16 2.18 -0.42
C PHE A 200 13.37 3.10 -0.23
N PHE A 201 13.15 4.40 -0.44
CA PHE A 201 14.14 5.42 -0.08
C PHE A 201 13.47 6.49 0.78
N PRO A 202 14.00 6.71 1.99
CA PRO A 202 13.42 7.77 2.83
C PRO A 202 13.60 9.16 2.22
N ARG A 203 12.73 10.07 2.64
CA ARG A 203 12.72 11.43 2.12
C ARG A 203 14.09 12.09 2.19
N ASN A 204 14.84 11.82 3.27
CA ASN A 204 16.13 12.49 3.46
C ASN A 204 17.31 11.65 2.98
N ALA A 205 17.04 10.61 2.20
CA ALA A 205 18.09 9.69 1.74
C ALA A 205 19.11 10.45 0.93
N GLY A 206 20.39 10.22 1.21
CA GLY A 206 21.43 10.83 0.38
C GLY A 206 21.67 10.03 -0.89
N ASN A 207 21.10 8.81 -0.96
CA ASN A 207 21.39 7.89 -2.04
C ASN A 207 20.17 7.48 -2.89
N VAL A 208 19.11 8.27 -2.84
CA VAL A 208 17.93 7.99 -3.67
C VAL A 208 18.28 8.20 -5.16
N PRO A 209 18.08 7.16 -6.00
CA PRO A 209 18.37 7.35 -7.43
C PRO A 209 17.57 8.52 -8.01
N ASN A 210 18.23 9.35 -8.83
CA ASN A 210 17.55 10.47 -9.47
C ASN A 210 16.31 10.05 -10.25
N ASP A 211 16.40 8.90 -10.92
CA ASP A 211 15.22 8.35 -11.61
C ASP A 211 13.98 8.32 -10.72
N ILE A 212 14.17 7.85 -9.50
CA ILE A 212 13.05 7.70 -8.55
C ILE A 212 12.61 9.07 -8.01
N ALA A 213 13.58 9.90 -7.62
CA ALA A 213 13.27 11.13 -6.89
C ALA A 213 12.70 12.23 -7.79
N SER A 214 13.23 12.36 -9.01
CA SER A 214 12.86 13.44 -9.94
C SER A 214 11.83 13.06 -11.02
N GLY A 215 11.59 11.78 -11.22
CA GLY A 215 10.59 11.39 -12.20
C GLY A 215 10.78 11.82 -13.65
N PRO A 216 11.98 11.62 -14.22
CA PRO A 216 12.16 11.90 -15.63
C PRO A 216 11.39 10.88 -16.47
N ALA A 217 11.21 11.18 -17.74
CA ALA A 217 10.41 10.29 -18.57
C ALA A 217 11.11 8.97 -18.92
N THR A 218 12.45 8.93 -18.83
CA THR A 218 13.19 7.68 -19.06
C THR A 218 13.91 7.26 -17.78
N ILE A 219 13.80 5.97 -17.41
CA ILE A 219 14.48 5.42 -16.23
C ILE A 219 15.22 4.15 -16.54
N ASN A 220 16.15 3.76 -15.68
CA ASN A 220 16.92 2.55 -15.88
C ASN A 220 17.13 1.92 -14.51
N THR A 221 16.45 0.81 -14.23
CA THR A 221 16.50 0.23 -12.88
C THR A 221 17.85 -0.42 -12.57
N ASP A 222 18.68 -0.63 -13.59
CA ASP A 222 20.03 -1.15 -13.35
C ASP A 222 20.85 -0.19 -12.47
N ASN A 223 20.44 1.08 -12.41
CA ASN A 223 21.19 2.09 -11.70
C ASN A 223 20.67 2.32 -10.29
N TRP A 224 19.77 1.43 -9.83
CA TRP A 224 19.04 1.72 -8.59
C TRP A 224 19.56 1.00 -7.36
N GLY A 225 20.63 0.23 -7.50
CA GLY A 225 21.17 -0.49 -6.35
C GLY A 225 20.25 -1.66 -5.97
N THR A 226 20.59 -2.29 -4.86
CA THR A 226 19.88 -3.47 -4.39
C THR A 226 18.47 -3.12 -3.92
N PRO A 227 17.46 -3.94 -4.34
CA PRO A 227 16.09 -3.67 -3.87
C PRO A 227 15.91 -3.93 -2.39
N THR A 228 14.89 -3.31 -1.81
CA THR A 228 14.54 -3.55 -0.43
C THR A 228 13.90 -4.94 -0.29
N ALA A 229 13.02 -5.27 -1.25
CA ALA A 229 12.41 -6.60 -1.32
C ALA A 229 12.59 -7.16 -2.72
N PHE A 230 12.94 -8.46 -2.80
CA PHE A 230 13.16 -9.12 -4.08
C PHE A 230 12.35 -10.41 -4.07
N PHE A 231 11.57 -10.60 -5.13
CA PHE A 231 10.77 -11.81 -5.31
C PHE A 231 11.17 -12.41 -6.65
N PRO A 232 12.24 -13.22 -6.64
CA PRO A 232 12.72 -13.86 -7.85
C PRO A 232 11.81 -15.00 -8.26
N ASN A 233 12.08 -15.56 -9.43
CA ASN A 233 11.28 -16.67 -9.96
C ASN A 233 11.88 -18.07 -9.68
N THR A 234 12.87 -18.14 -8.80
CA THR A 234 13.53 -19.42 -8.46
C THR A 234 12.51 -20.54 -8.20
N ASN A 235 11.48 -20.22 -7.40
CA ASN A 235 10.49 -21.19 -6.95
C ASN A 235 9.06 -20.72 -7.24
N CYS A 236 8.93 -19.84 -8.24
CA CYS A 236 7.62 -19.29 -8.60
C CYS A 236 7.71 -18.73 -9.99
N ASP A 237 6.82 -19.17 -10.86
CA ASP A 237 6.72 -18.60 -12.19
C ASP A 237 5.96 -17.28 -12.02
N ILE A 238 6.71 -16.18 -11.90
CA ILE A 238 6.09 -14.90 -11.57
C ILE A 238 5.05 -14.50 -12.62
N GLY A 239 5.46 -14.58 -13.88
CA GLY A 239 4.59 -14.25 -15.01
C GLY A 239 3.30 -15.05 -15.11
N SER A 240 3.29 -16.29 -14.63
CA SER A 240 2.07 -17.10 -14.66
C SER A 240 1.19 -16.88 -13.40
N HIS A 241 1.73 -16.25 -12.38
CA HIS A 241 0.95 -15.99 -11.15
C HIS A 241 0.38 -14.58 -11.11
N PHE A 242 0.80 -13.74 -12.04
CA PHE A 242 0.33 -12.35 -12.10
C PHE A 242 -0.19 -12.06 -13.46
N ASP A 243 -1.33 -11.37 -13.51
CA ASP A 243 -1.87 -10.93 -14.80
C ASP A 243 -1.94 -9.39 -14.83
N ALA A 244 -2.89 -8.81 -15.56
CA ALA A 244 -2.95 -7.33 -15.59
C ALA A 244 -3.58 -6.84 -14.31
N ASN A 245 -2.83 -6.01 -13.57
CA ASN A 245 -3.25 -5.55 -12.26
C ASN A 245 -3.50 -4.04 -12.25
N ASN A 246 -4.48 -3.64 -11.45
CA ASN A 246 -4.68 -2.21 -11.15
C ASN A 246 -3.82 -1.83 -9.96
N ILE A 247 -3.54 -0.53 -9.87
CA ILE A 247 -2.91 0.03 -8.65
C ILE A 247 -4.03 0.46 -7.72
N ILE A 248 -3.91 0.11 -6.44
CA ILE A 248 -4.92 0.47 -5.44
C ILE A 248 -4.25 1.18 -4.27
N ILE A 249 -4.88 2.24 -3.76
CA ILE A 249 -4.37 2.92 -2.55
C ILE A 249 -5.56 3.09 -1.64
N ASN A 250 -5.43 2.63 -0.40
CA ASN A 250 -6.62 2.62 0.46
C ASN A 250 -6.26 2.80 1.92
N LEU A 251 -7.31 3.00 2.72
CA LEU A 251 -7.13 2.97 4.17
C LEU A 251 -8.36 2.27 4.76
N THR A 252 -8.13 1.09 5.34
CA THR A 252 -9.18 0.47 6.16
C THR A 252 -8.84 0.56 7.65
N PHE A 253 -9.72 0.01 8.49
CA PHE A 253 -9.51 -0.03 9.93
C PHE A 253 -9.87 -1.41 10.46
N CYS A 254 -9.12 -1.86 11.45
CA CYS A 254 -9.43 -3.15 12.11
C CYS A 254 -9.44 -4.27 11.05
N GLY A 255 -10.45 -5.14 11.07
CA GLY A 255 -10.55 -6.20 10.06
C GLY A 255 -9.53 -7.33 10.19
N ASP A 256 -9.38 -8.10 9.12
CA ASP A 256 -8.65 -9.41 9.11
C ASP A 256 -7.31 -9.34 9.83
N TRP A 257 -6.54 -8.29 9.53
CA TRP A 257 -5.20 -8.13 10.12
C TRP A 257 -5.21 -7.16 11.31
N ALA A 258 -5.52 -5.89 11.07
CA ALA A 258 -5.36 -4.87 12.13
C ALA A 258 -6.26 -5.09 13.36
N GLY A 259 -7.38 -5.78 13.17
CA GLY A 259 -8.40 -5.91 14.21
C GLY A 259 -8.21 -7.09 15.15
N GLN A 260 -7.29 -8.00 14.81
CA GLN A 260 -6.93 -9.11 15.70
C GLN A 260 -6.53 -8.51 17.04
N ALA A 261 -7.18 -8.96 18.11
CA ALA A 261 -6.90 -8.39 19.44
C ALA A 261 -5.42 -8.48 19.84
N SER A 262 -4.79 -9.60 19.54
CA SER A 262 -3.38 -9.79 19.90
C SER A 262 -2.48 -8.75 19.22
N ILE A 263 -2.83 -8.38 17.99
CA ILE A 263 -2.02 -7.44 17.22
C ILE A 263 -2.35 -6.01 17.66
N PHE A 264 -3.65 -5.72 17.77
CA PHE A 264 -4.10 -4.40 18.19
C PHE A 264 -3.66 -4.00 19.60
N ASN A 265 -3.94 -4.87 20.57
CA ASN A 265 -3.45 -4.61 21.92
C ASN A 265 -1.93 -4.76 22.05
N GLY A 266 -1.34 -5.66 21.25
CA GLY A 266 0.12 -5.86 21.19
C GLY A 266 0.81 -4.58 20.75
N ALA A 267 0.11 -3.77 19.96
CA ALA A 267 0.65 -2.51 19.49
C ALA A 267 0.52 -1.38 20.51
N GLY A 268 -0.05 -1.69 21.67
CA GLY A 268 -0.30 -0.69 22.70
C GLY A 268 -1.65 0.01 22.59
N CYS A 269 -2.50 -0.42 21.65
CA CYS A 269 -3.78 0.24 21.47
C CYS A 269 -4.79 -0.29 22.51
N PRO A 270 -5.65 0.60 23.07
CA PRO A 270 -6.59 0.21 24.12
C PRO A 270 -7.89 -0.42 23.68
N GLY A 271 -8.35 -1.41 24.43
CA GLY A 271 -9.70 -1.94 24.24
C GLY A 271 -9.81 -2.74 22.95
N SER A 272 -10.99 -2.68 22.32
CA SER A 272 -11.20 -3.33 21.04
C SER A 272 -11.00 -2.34 19.92
N CYS A 273 -10.55 -2.86 18.78
CA CYS A 273 -10.31 -2.01 17.62
C CYS A 273 -11.58 -1.29 17.18
N VAL A 274 -12.70 -2.03 17.14
CA VAL A 274 -13.95 -1.42 16.67
C VAL A 274 -14.43 -0.32 17.61
N ASP A 275 -14.41 -0.57 18.92
CA ASP A 275 -14.81 0.46 19.87
C ASP A 275 -13.92 1.70 19.68
N TYR A 276 -12.61 1.47 19.52
CA TYR A 276 -11.69 2.59 19.45
C TYR A 276 -11.99 3.43 18.21
N VAL A 277 -12.19 2.74 17.10
CA VAL A 277 -12.47 3.40 15.83
C VAL A 277 -13.82 4.14 15.85
N ASN A 278 -14.82 3.56 16.50
CA ASN A 278 -16.12 4.23 16.61
C ASN A 278 -16.02 5.54 17.37
N ASN A 279 -15.28 5.52 18.46
CA ASN A 279 -15.46 6.55 19.49
C ASN A 279 -14.38 7.58 19.61
N ASN A 280 -13.34 7.46 18.78
CA ASN A 280 -12.23 8.40 18.84
C ASN A 280 -11.95 9.10 17.50
N PRO A 281 -12.96 9.82 16.97
CA PRO A 281 -12.75 10.47 15.66
C PRO A 281 -11.51 11.35 15.60
N SER A 282 -11.25 12.13 16.65
N SER A 282 -11.23 12.15 16.63
CA SER A 282 -10.10 13.04 16.66
CA SER A 282 -10.08 13.06 16.54
C SER A 282 -8.77 12.32 16.52
C SER A 282 -8.72 12.34 16.55
N ALA A 283 -8.71 11.06 16.95
CA ALA A 283 -7.49 10.24 16.88
C ALA A 283 -7.09 9.93 15.43
N PHE A 284 -7.99 10.23 14.51
CA PHE A 284 -7.77 9.93 13.08
C PHE A 284 -7.49 11.16 12.24
N ALA A 285 -7.23 12.29 12.89
CA ALA A 285 -6.84 13.51 12.13
C ALA A 285 -5.60 13.27 11.26
N ASN A 286 -4.70 12.41 11.75
CA ASN A 286 -3.47 12.12 11.02
C ASN A 286 -3.54 10.80 10.26
N ALA A 287 -4.77 10.30 10.06
CA ALA A 287 -4.96 9.09 9.26
C ALA A 287 -5.19 9.50 7.80
N TYR A 288 -4.13 10.08 7.22
CA TYR A 288 -4.18 10.49 5.82
C TYR A 288 -2.95 10.08 5.01
N TRP A 289 -3.19 9.79 3.72
CA TRP A 289 -2.15 9.78 2.71
C TRP A 289 -1.99 11.22 2.19
N ASP A 290 -0.74 11.65 2.03
CA ASP A 290 -0.44 12.86 1.26
C ASP A 290 0.53 12.40 0.19
N ILE A 291 0.07 12.38 -1.06
CA ILE A 291 0.85 11.83 -2.15
C ILE A 291 1.21 12.95 -3.13
N ALA A 292 2.51 13.10 -3.39
CA ALA A 292 2.99 14.10 -4.35
C ALA A 292 2.82 13.67 -5.81
N SER A 293 3.08 12.40 -6.08
CA SER A 293 2.83 11.85 -7.42
C SER A 293 2.84 10.33 -7.39
N VAL A 294 2.19 9.74 -8.41
CA VAL A 294 2.39 8.32 -8.73
C VAL A 294 2.68 8.29 -10.22
N ARG A 295 3.76 7.60 -10.56
CA ARG A 295 4.23 7.47 -11.94
CA ARG A 295 4.18 7.48 -11.96
C ARG A 295 4.28 6.01 -12.35
N VAL A 296 3.90 5.71 -13.57
CA VAL A 296 4.06 4.35 -14.08
C VAL A 296 4.89 4.43 -15.36
N TYR A 297 5.81 3.48 -15.50
CA TYR A 297 6.69 3.37 -16.67
C TYR A 297 6.50 2.00 -17.29
N GLN A 298 6.62 1.93 -18.62
CA GLN A 298 6.51 0.65 -19.35
C GLN A 298 7.49 0.62 -20.48
#